data_7UJP
#
_entry.id   7UJP
#
_cell.length_a   73.143
_cell.length_b   91.423
_cell.length_c   91.922
_cell.angle_alpha   90.000
_cell.angle_beta   90.000
_cell.angle_gamma   90.000
#
_symmetry.space_group_name_H-M   'P 21 21 21'
#
loop_
_entity.id
_entity.type
_entity.pdbx_description
1 polymer 'Calcium/calmodulin-dependent protein kinase type II subunit alpha'
2 polymer 'Glutamate receptor ionotropic, NMDA 2B'
3 non-polymer "ADENOSINE-5'-DIPHOSPHATE"
4 non-polymer 'MAGNESIUM ION'
5 non-polymer "ADENOSINE-5'-TRIPHOSPHATE"
6 non-polymer GLYCEROL
7 water water
#
loop_
_entity_poly.entity_id
_entity_poly.type
_entity_poly.pdbx_seq_one_letter_code
_entity_poly.pdbx_strand_id
1 'polypeptide(L)'
;TRFTEEYQLFEELGKGAFSVVRRCVKVLAGQEYAAKIINTKKLSARDHQKLEREARICRLLKHPNIVRLHDSISEEGHHY
LIFDLVTGGELFEDIVAREYYSEADASHCIQQILEAVLHCHQMGVVHRNLKPENLLLASKLKGAAVKLADFGLAIEVEGE
QQAWFGFAGTPGYLSPEVLRKDPYGKPVDLWACGVILYILLVGYPPFWDEDQHRLYKQIKAGAYDFPSPEWDTVTPEAKD
LINKMLTINPSKRITAAEALKHPWISHR
;
A,B
2 'polypeptide(L)' KAQKKNRNKLRRQHSYDTFVDL C,D
#
# COMPACT_ATOMS: atom_id res chain seq x y z
N THR A 1 -20.60 7.58 19.52
CA THR A 1 -20.05 7.99 20.84
C THR A 1 -19.38 9.38 20.68
N ARG A 2 -18.10 9.51 21.04
CA ARG A 2 -17.46 10.78 21.48
C ARG A 2 -16.35 11.24 20.52
N PHE A 3 -16.14 10.59 19.38
CA PHE A 3 -15.17 11.05 18.36
C PHE A 3 -15.84 12.11 17.48
N THR A 4 -17.05 11.80 17.00
CA THR A 4 -17.88 12.68 16.13
C THR A 4 -18.08 14.03 16.84
N GLU A 5 -18.26 14.02 18.16
CA GLU A 5 -18.58 15.23 18.96
C GLU A 5 -17.33 16.09 19.18
N GLU A 6 -16.19 15.47 19.53
CA GLU A 6 -14.98 16.20 20.00
C GLU A 6 -13.98 16.46 18.86
N TYR A 7 -13.95 15.61 17.83
CA TYR A 7 -12.86 15.61 16.81
C TYR A 7 -13.40 15.99 15.43
N GLN A 8 -12.49 16.48 14.57
CA GLN A 8 -12.75 16.94 13.19
C GLN A 8 -11.67 16.36 12.27
N LEU A 9 -12.07 15.61 11.24
CA LEU A 9 -11.15 14.92 10.30
C LEU A 9 -10.62 15.92 9.26
N PHE A 10 -9.36 15.75 8.85
CA PHE A 10 -8.67 16.49 7.77
C PHE A 10 -8.04 15.47 6.81
N GLU A 11 -6.84 15.72 6.27
CA GLU A 11 -6.29 14.99 5.10
C GLU A 11 -5.83 13.58 5.49
N GLU A 12 -5.82 12.67 4.51
CA GLU A 12 -5.34 11.28 4.62
C GLU A 12 -3.82 11.26 4.75
N LEU A 13 -3.29 10.45 5.69
CA LEU A 13 -1.83 10.19 5.84
C LEU A 13 -1.49 8.82 5.24
N GLY A 14 -2.47 7.93 5.14
CA GLY A 14 -2.34 6.59 4.53
C GLY A 14 -3.63 5.80 4.61
N LYS A 15 -3.69 4.64 3.96
CA LYS A 15 -4.90 3.77 3.89
C LYS A 15 -4.49 2.29 3.93
N GLY A 16 -5.32 1.45 4.57
CA GLY A 16 -5.10 0.00 4.73
C GLY A 16 -6.28 -0.80 4.19
N ALA A 17 -6.40 -2.07 4.60
CA ALA A 17 -7.40 -3.04 4.10
C ALA A 17 -8.82 -2.50 4.35
N PHE A 18 -9.21 -2.27 5.61
CA PHE A 18 -10.54 -1.71 5.99
C PHE A 18 -10.35 -0.55 6.97
N SER A 19 -9.27 0.20 6.80
CA SER A 19 -8.88 1.34 7.67
C SER A 19 -8.25 2.46 6.83
N VAL A 20 -8.32 3.69 7.34
CA VAL A 20 -7.57 4.88 6.83
C VAL A 20 -6.97 5.59 8.03
N VAL A 21 -5.84 6.29 7.83
CA VAL A 21 -5.21 7.19 8.83
C VAL A 21 -5.38 8.63 8.34
N ARG A 22 -6.02 9.47 9.15
CA ARG A 22 -6.30 10.89 8.83
C ARG A 22 -5.84 11.77 10.00
N ARG A 23 -5.16 12.88 9.69
CA ARG A 23 -4.94 13.99 10.67
C ARG A 23 -6.33 14.44 11.13
N CYS A 24 -6.52 14.58 12.46
CA CYS A 24 -7.74 15.15 13.06
C CYS A 24 -7.35 16.21 14.09
N VAL A 25 -8.30 17.06 14.47
CA VAL A 25 -8.12 18.12 15.51
C VAL A 25 -9.22 17.90 16.55
N LYS A 26 -8.84 17.66 17.81
CA LYS A 26 -9.76 17.70 18.97
C LYS A 26 -10.10 19.18 19.20
N VAL A 27 -11.32 19.58 18.80
CA VAL A 27 -11.68 20.98 18.44
C VAL A 27 -11.47 21.89 19.66
N LEU A 28 -12.18 21.61 20.75
CA LEU A 28 -12.21 22.47 21.97
C LEU A 28 -10.81 22.56 22.58
N ALA A 29 -9.95 21.56 22.37
CA ALA A 29 -8.57 21.49 22.92
C ALA A 29 -7.55 22.18 21.98
N GLY A 30 -7.90 22.35 20.70
CA GLY A 30 -6.98 22.87 19.67
C GLY A 30 -5.70 22.05 19.56
N GLN A 31 -5.81 20.72 19.68
CA GLN A 31 -4.66 19.76 19.60
C GLN A 31 -4.89 18.80 18.44
N GLU A 32 -3.88 18.59 17.58
CA GLU A 32 -4.02 17.71 16.41
C GLU A 32 -3.50 16.31 16.76
N TYR A 33 -4.12 15.27 16.18
CA TYR A 33 -3.76 13.84 16.35
C TYR A 33 -3.88 13.11 15.01
N ALA A 34 -3.30 11.92 14.94
CA ALA A 34 -3.46 10.95 13.82
C ALA A 34 -4.50 9.91 14.25
N ALA A 35 -5.61 9.84 13.52
CA ALA A 35 -6.76 8.94 13.82
C ALA A 35 -6.73 7.78 12.81
N LYS A 36 -6.51 6.56 13.31
CA LYS A 36 -6.72 5.32 12.54
C LYS A 36 -8.22 4.99 12.59
N ILE A 37 -8.91 5.13 11.46
CA ILE A 37 -10.38 4.89 11.33
C ILE A 37 -10.56 3.51 10.71
N ILE A 38 -10.90 2.50 11.53
CA ILE A 38 -11.23 1.11 11.10
C ILE A 38 -12.75 1.05 10.86
N ASN A 39 -13.17 0.60 9.68
CA ASN A 39 -14.60 0.30 9.36
C ASN A 39 -14.95 -1.03 10.02
N THR A 40 -15.99 -1.06 10.87
CA THR A 40 -16.37 -2.22 11.72
C THR A 40 -17.69 -2.87 11.26
N LYS A 41 -18.31 -2.39 10.18
CA LYS A 41 -19.56 -2.97 9.62
C LYS A 41 -19.23 -4.37 9.06
N LYS A 42 -19.83 -5.42 9.61
CA LYS A 42 -19.60 -6.84 9.23
C LYS A 42 -18.09 -7.16 9.25
N LEU A 43 -17.47 -7.17 10.43
CA LEU A 43 -16.11 -7.73 10.69
C LEU A 43 -16.23 -9.16 11.19
N SER A 44 -15.28 -10.03 10.85
CA SER A 44 -15.21 -11.42 11.38
C SER A 44 -14.82 -11.36 12.86
N ALA A 45 -15.10 -12.44 13.61
CA ALA A 45 -14.67 -12.62 15.02
C ALA A 45 -13.14 -12.43 15.09
N ARG A 46 -12.40 -13.00 14.14
CA ARG A 46 -10.94 -12.85 13.99
C ARG A 46 -10.56 -11.36 13.91
N ASP A 47 -11.15 -10.63 12.95
CA ASP A 47 -10.87 -9.18 12.69
C ASP A 47 -11.13 -8.35 13.97
N HIS A 48 -12.13 -8.72 14.77
CA HIS A 48 -12.45 -8.03 16.04
C HIS A 48 -11.33 -8.29 17.07
N GLN A 49 -10.87 -9.54 17.19
CA GLN A 49 -9.77 -9.93 18.10
C GLN A 49 -8.51 -9.12 17.76
N LYS A 50 -8.21 -8.93 16.48
CA LYS A 50 -7.00 -8.23 15.97
C LYS A 50 -7.10 -6.73 16.35
N LEU A 51 -8.26 -6.12 16.14
CA LEU A 51 -8.51 -4.70 16.51
C LEU A 51 -8.30 -4.51 18.02
N GLU A 52 -8.90 -5.36 18.84
CA GLU A 52 -8.82 -5.30 20.33
C GLU A 52 -7.37 -5.53 20.77
N ARG A 53 -6.65 -6.41 20.06
CA ARG A 53 -5.22 -6.75 20.31
C ARG A 53 -4.35 -5.53 20.01
N GLU A 54 -4.54 -4.89 18.85
CA GLU A 54 -3.77 -3.67 18.47
C GLU A 54 -4.01 -2.59 19.54
N ALA A 55 -5.27 -2.33 19.86
CA ALA A 55 -5.70 -1.35 20.90
C ALA A 55 -4.97 -1.68 22.21
N ARG A 56 -5.02 -2.94 22.63
CA ARG A 56 -4.47 -3.45 23.92
C ARG A 56 -2.94 -3.27 23.93
N ILE A 57 -2.27 -3.72 22.88
CA ILE A 57 -0.79 -3.58 22.70
C ILE A 57 -0.42 -2.10 22.75
N CYS A 58 -1.16 -1.23 22.04
CA CYS A 58 -0.86 0.23 21.93
C CYS A 58 -1.08 0.93 23.27
N ARG A 59 -2.06 0.49 24.05
CA ARG A 59 -2.35 1.00 25.43
C ARG A 59 -1.20 0.60 26.36
N LEU A 60 -0.60 -0.58 26.12
CA LEU A 60 0.45 -1.21 26.99
C LEU A 60 1.75 -0.40 26.93
N LEU A 61 2.15 0.07 25.74
CA LEU A 61 3.50 0.62 25.44
C LEU A 61 3.55 2.12 25.74
N LYS A 62 4.27 2.50 26.80
CA LYS A 62 4.57 3.92 27.15
C LYS A 62 6.09 4.09 27.16
N HIS A 63 6.62 4.73 26.12
CA HIS A 63 8.07 4.88 25.87
C HIS A 63 8.32 6.12 25.01
N PRO A 64 9.39 6.90 25.28
CA PRO A 64 9.72 8.06 24.46
C PRO A 64 9.76 7.78 22.95
N ASN A 65 10.24 6.60 22.56
CA ASN A 65 10.56 6.25 21.15
C ASN A 65 9.49 5.29 20.60
N ILE A 66 8.32 5.24 21.24
CA ILE A 66 7.09 4.57 20.72
C ILE A 66 5.95 5.61 20.64
N VAL A 67 5.27 5.65 19.50
CA VAL A 67 4.03 6.46 19.24
C VAL A 67 3.03 6.13 20.34
N ARG A 68 2.45 7.15 20.97
CA ARG A 68 1.52 6.99 22.11
C ARG A 68 0.08 6.98 21.57
N LEU A 69 -0.73 6.04 22.04
CA LEU A 69 -2.20 6.04 21.83
C LEU A 69 -2.81 7.04 22.82
N HIS A 70 -3.49 8.07 22.30
CA HIS A 70 -4.22 9.09 23.09
C HIS A 70 -5.55 8.48 23.56
N ASP A 71 -6.28 7.81 22.67
CA ASP A 71 -7.65 7.30 22.98
C ASP A 71 -8.04 6.19 22.00
N SER A 72 -9.05 5.40 22.41
CA SER A 72 -9.67 4.30 21.64
C SER A 72 -11.19 4.42 21.79
N ILE A 73 -11.89 4.82 20.72
CA ILE A 73 -13.33 5.23 20.74
C ILE A 73 -14.12 4.30 19.81
N SER A 74 -15.11 3.59 20.36
CA SER A 74 -16.00 2.64 19.65
C SER A 74 -17.32 3.34 19.30
N GLU A 75 -17.54 3.64 18.01
CA GLU A 75 -18.80 4.20 17.47
C GLU A 75 -19.48 3.10 16.62
N GLU A 76 -20.76 3.28 16.28
CA GLU A 76 -21.52 2.36 15.39
C GLU A 76 -20.85 2.39 14.01
N GLY A 77 -20.27 1.27 13.60
CA GLY A 77 -19.72 1.04 12.24
C GLY A 77 -18.29 1.55 12.06
N HIS A 78 -17.75 2.28 13.05
CA HIS A 78 -16.39 2.87 12.98
C HIS A 78 -15.70 2.77 14.34
N HIS A 79 -14.44 2.33 14.33
CA HIS A 79 -13.54 2.40 15.51
C HIS A 79 -12.43 3.41 15.21
N TYR A 80 -12.04 4.18 16.23
CA TYR A 80 -11.01 5.25 16.14
C TYR A 80 -9.89 4.93 17.13
N LEU A 81 -8.71 4.59 16.63
CA LEU A 81 -7.45 4.58 17.41
C LEU A 81 -6.77 5.93 17.15
N ILE A 82 -6.62 6.74 18.20
CA ILE A 82 -6.14 8.13 18.13
C ILE A 82 -4.75 8.18 18.77
N PHE A 83 -3.75 8.55 17.98
CA PHE A 83 -2.31 8.56 18.34
C PHE A 83 -1.78 10.00 18.32
N ASP A 84 -0.80 10.31 19.16
CA ASP A 84 0.04 11.53 19.04
C ASP A 84 0.46 11.67 17.58
N LEU A 85 0.31 12.86 17.00
CA LEU A 85 0.71 13.15 15.59
C LEU A 85 2.24 13.31 15.56
N VAL A 86 2.91 12.56 14.68
CA VAL A 86 4.37 12.70 14.41
C VAL A 86 4.52 13.35 13.03
N THR A 87 5.19 14.51 12.98
CA THR A 87 5.08 15.51 11.88
C THR A 87 6.30 15.48 10.96
N GLY A 88 7.37 14.78 11.35
CA GLY A 88 8.65 14.76 10.62
C GLY A 88 8.73 13.69 9.53
N GLY A 89 7.64 12.97 9.29
CA GLY A 89 7.54 11.96 8.22
C GLY A 89 8.33 10.70 8.56
N GLU A 90 8.36 9.76 7.63
CA GLU A 90 8.92 8.39 7.83
C GLU A 90 10.44 8.46 7.79
N LEU A 91 11.11 7.62 8.59
CA LEU A 91 12.57 7.43 8.52
C LEU A 91 12.98 7.14 7.07
N PHE A 92 12.19 6.34 6.36
CA PHE A 92 12.41 5.94 4.95
C PHE A 92 12.76 7.16 4.09
N GLU A 93 11.91 8.20 4.11
CA GLU A 93 12.05 9.44 3.30
C GLU A 93 13.40 10.08 3.59
N ASP A 94 13.75 10.17 4.88
CA ASP A 94 14.99 10.83 5.35
C ASP A 94 16.22 10.12 4.79
N ILE A 95 16.25 8.77 4.82
CA ILE A 95 17.40 7.97 4.33
C ILE A 95 17.59 8.28 2.84
N VAL A 96 16.54 8.17 2.03
CA VAL A 96 16.56 8.46 0.57
C VAL A 96 17.11 9.87 0.34
N ALA A 97 16.60 10.88 1.07
CA ALA A 97 16.95 12.31 0.91
C ALA A 97 18.45 12.50 1.18
N ARG A 98 18.93 12.00 2.32
CA ARG A 98 20.35 12.09 2.76
C ARG A 98 21.20 11.03 2.05
N GLU A 99 20.55 10.03 1.43
CA GLU A 99 21.19 8.88 0.71
C GLU A 99 21.61 7.82 1.74
N TYR A 100 22.43 8.21 2.73
CA TYR A 100 22.81 7.38 3.91
C TYR A 100 23.09 8.28 5.12
N TYR A 101 23.20 7.67 6.30
CA TYR A 101 23.64 8.34 7.56
C TYR A 101 25.13 8.06 7.81
N SER A 102 25.81 9.00 8.46
CA SER A 102 27.13 8.78 9.09
C SER A 102 26.95 7.77 10.21
N GLU A 103 28.04 7.10 10.59
CA GLU A 103 28.05 6.03 11.63
C GLU A 103 27.52 6.61 12.95
N ALA A 104 27.86 7.87 13.24
CA ALA A 104 27.39 8.59 14.46
C ALA A 104 25.87 8.73 14.41
N ASP A 105 25.34 9.20 13.28
CA ASP A 105 23.87 9.43 13.11
C ASP A 105 23.15 8.07 13.05
N ALA A 106 23.74 7.09 12.34
CA ALA A 106 23.20 5.72 12.22
C ALA A 106 23.10 5.07 13.60
N SER A 107 24.16 5.23 14.41
CA SER A 107 24.28 4.67 15.79
C SER A 107 23.20 5.25 16.71
N HIS A 108 23.04 6.58 16.67
CA HIS A 108 22.01 7.31 17.46
C HIS A 108 20.62 6.82 17.02
N CYS A 109 20.41 6.64 15.72
CA CYS A 109 19.13 6.16 15.15
C CYS A 109 18.80 4.77 15.70
N ILE A 110 19.68 3.78 15.43
CA ILE A 110 19.42 2.35 15.77
C ILE A 110 19.37 2.19 17.29
N GLN A 111 20.11 3.02 18.03
CA GLN A 111 20.07 3.03 19.52
C GLN A 111 18.63 3.27 19.99
N GLN A 112 17.97 4.30 19.46
CA GLN A 112 16.58 4.69 19.84
C GLN A 112 15.62 3.58 19.41
N ILE A 113 15.80 3.04 18.19
CA ILE A 113 15.00 1.92 17.63
C ILE A 113 15.11 0.71 18.58
N LEU A 114 16.32 0.40 19.05
CA LEU A 114 16.59 -0.79 19.91
C LEU A 114 16.00 -0.57 21.30
N GLU A 115 16.05 0.66 21.82
CA GLU A 115 15.43 1.02 23.13
C GLU A 115 13.91 0.83 23.03
N ALA A 116 13.31 1.10 21.87
CA ALA A 116 11.86 0.89 21.60
C ALA A 116 11.55 -0.61 21.55
N VAL A 117 12.34 -1.37 20.77
CA VAL A 117 12.15 -2.84 20.58
C VAL A 117 12.36 -3.54 21.93
N LEU A 118 13.35 -3.11 22.71
CA LEU A 118 13.64 -3.66 24.06
C LEU A 118 12.38 -3.55 24.93
N HIS A 119 11.79 -2.35 25.01
CA HIS A 119 10.57 -2.06 25.80
C HIS A 119 9.44 -2.98 25.34
N CYS A 120 9.20 -3.07 24.03
CA CYS A 120 8.19 -3.98 23.43
C CYS A 120 8.37 -5.40 23.99
N HIS A 121 9.59 -5.94 23.89
CA HIS A 121 9.90 -7.35 24.24
C HIS A 121 9.72 -7.55 25.75
N GLN A 122 10.17 -6.60 26.57
CA GLN A 122 10.00 -6.64 28.05
C GLN A 122 8.51 -6.69 28.38
N MET A 123 7.65 -6.06 27.57
CA MET A 123 6.17 -6.01 27.76
C MET A 123 5.48 -7.18 27.03
N GLY A 124 6.25 -8.10 26.44
CA GLY A 124 5.74 -9.30 25.75
C GLY A 124 5.09 -8.97 24.42
N VAL A 125 5.62 -7.95 23.72
CA VAL A 125 5.13 -7.50 22.39
C VAL A 125 6.22 -7.74 21.35
N VAL A 126 5.89 -8.42 20.26
CA VAL A 126 6.75 -8.61 19.06
C VAL A 126 6.08 -7.87 17.91
N HIS A 127 6.80 -6.97 17.23
CA HIS A 127 6.27 -6.03 16.20
C HIS A 127 6.04 -6.78 14.89
N ARG A 128 7.05 -7.51 14.41
CA ARG A 128 7.01 -8.39 13.20
C ARG A 128 7.10 -7.55 11.91
N ASN A 129 6.98 -6.22 11.99
CA ASN A 129 6.89 -5.34 10.80
C ASN A 129 7.82 -4.12 10.94
N LEU A 130 8.98 -4.29 11.58
CA LEU A 130 10.00 -3.21 11.68
C LEU A 130 10.56 -2.95 10.28
N LYS A 131 10.65 -1.66 9.90
CA LYS A 131 11.21 -1.15 8.62
C LYS A 131 11.20 0.37 8.68
N PRO A 132 11.98 1.07 7.83
CA PRO A 132 12.04 2.54 7.87
C PRO A 132 10.69 3.25 7.72
N GLU A 133 9.71 2.62 7.06
CA GLU A 133 8.35 3.18 6.83
C GLU A 133 7.53 3.21 8.13
N ASN A 134 7.91 2.42 9.14
CA ASN A 134 7.19 2.29 10.44
C ASN A 134 7.96 3.01 11.55
N LEU A 135 8.98 3.80 11.20
CA LEU A 135 9.72 4.68 12.14
C LEU A 135 9.54 6.14 11.73
N LEU A 136 8.90 6.93 12.58
CA LEU A 136 8.55 8.35 12.30
C LEU A 136 9.52 9.27 13.07
N LEU A 137 9.78 10.47 12.53
CA LEU A 137 10.70 11.48 13.12
C LEU A 137 9.86 12.55 13.84
N ALA A 138 10.22 12.88 15.10
CA ALA A 138 9.48 13.84 15.96
C ALA A 138 9.37 15.21 15.27
N SER A 139 10.36 15.58 14.45
CA SER A 139 10.41 16.87 13.71
C SER A 139 11.21 16.70 12.42
N LYS A 140 11.36 17.78 11.64
CA LYS A 140 12.11 17.84 10.37
C LYS A 140 13.53 18.40 10.61
N LEU A 141 13.85 18.79 11.84
CA LEU A 141 15.23 19.22 12.26
C LEU A 141 16.11 17.97 12.45
N LYS A 142 17.21 17.89 11.71
CA LYS A 142 18.11 16.71 11.66
C LYS A 142 18.55 16.38 13.10
N GLY A 143 18.51 15.10 13.47
CA GLY A 143 18.84 14.63 14.83
C GLY A 143 17.60 14.56 15.73
N ALA A 144 16.39 14.63 15.12
CA ALA A 144 15.09 14.48 15.81
C ALA A 144 14.93 13.03 16.27
N ALA A 145 14.15 12.83 17.35
CA ALA A 145 13.88 11.50 17.95
C ALA A 145 13.03 10.68 16.97
N VAL A 146 13.29 9.36 16.91
CA VAL A 146 12.54 8.38 16.07
C VAL A 146 11.46 7.74 16.95
N LYS A 147 10.31 7.40 16.36
CA LYS A 147 9.16 6.80 17.09
C LYS A 147 8.66 5.59 16.30
N LEU A 148 8.69 4.42 16.95
CA LEU A 148 8.14 3.14 16.44
C LEU A 148 6.62 3.27 16.34
N ALA A 149 6.05 2.96 15.17
CA ALA A 149 4.60 3.12 14.87
C ALA A 149 4.04 1.82 14.25
N ASP A 150 2.72 1.79 14.05
CA ASP A 150 2.02 0.81 13.17
C ASP A 150 2.17 -0.59 13.76
N PHE A 151 1.45 -0.89 14.85
CA PHE A 151 1.44 -2.18 15.59
C PHE A 151 0.27 -3.06 15.14
N GLY A 152 -0.16 -2.92 13.88
CA GLY A 152 -1.26 -3.70 13.28
C GLY A 152 -0.92 -5.18 13.16
N LEU A 153 0.36 -5.53 13.06
CA LEU A 153 0.84 -6.93 12.92
C LEU A 153 1.51 -7.40 14.21
N ALA A 154 1.53 -6.57 15.27
CA ALA A 154 2.19 -6.89 16.55
C ALA A 154 1.43 -8.02 17.24
N ILE A 155 2.14 -8.93 17.92
CA ILE A 155 1.55 -10.08 18.66
C ILE A 155 1.94 -9.96 20.13
N GLU A 156 1.16 -10.62 20.99
CA GLU A 156 1.46 -10.84 22.43
C GLU A 156 2.14 -12.20 22.57
N VAL A 157 3.24 -12.26 23.31
CA VAL A 157 4.01 -13.53 23.61
C VAL A 157 4.10 -13.68 25.14
N GLU A 158 4.10 -14.94 25.61
CA GLU A 158 4.13 -15.30 27.05
C GLU A 158 5.58 -15.61 27.41
N GLY A 159 6.28 -14.67 28.05
CA GLY A 159 7.72 -14.77 28.34
C GLY A 159 8.54 -15.02 27.09
N GLU A 160 9.42 -16.04 27.12
CA GLU A 160 10.28 -16.44 25.98
C GLU A 160 9.66 -17.63 25.24
N GLN A 161 8.43 -18.03 25.61
CA GLN A 161 7.64 -19.08 24.88
C GLN A 161 7.33 -18.56 23.47
N GLN A 162 7.76 -19.29 22.45
CA GLN A 162 7.60 -18.89 21.02
C GLN A 162 7.03 -20.06 20.23
N ALA A 163 6.48 -19.80 19.04
CA ALA A 163 5.66 -20.75 18.26
C ALA A 163 5.50 -20.24 16.82
N TRP A 164 4.71 -20.93 16.00
CA TRP A 164 4.35 -20.48 14.64
C TRP A 164 3.08 -19.61 14.73
N PHE A 165 3.27 -18.29 14.74
CA PHE A 165 2.20 -17.27 14.91
C PHE A 165 1.71 -16.79 13.53
N GLY A 166 2.04 -17.50 12.46
CA GLY A 166 1.55 -17.22 11.09
C GLY A 166 2.53 -16.34 10.32
N PHE A 167 2.35 -16.28 9.00
CA PHE A 167 3.21 -15.53 8.05
C PHE A 167 2.73 -14.08 8.01
N ALA A 168 3.52 -13.16 8.58
CA ALA A 168 3.24 -11.70 8.59
C ALA A 168 4.56 -10.93 8.59
N GLY A 169 4.58 -9.79 7.89
CA GLY A 169 5.73 -8.90 7.78
C GLY A 169 5.91 -8.39 6.36
N THR A 170 7.04 -7.73 6.09
CA THR A 170 7.35 -7.06 4.81
C THR A 170 8.54 -7.76 4.14
N PRO A 171 8.39 -8.24 2.89
CA PRO A 171 9.37 -9.11 2.25
C PRO A 171 10.86 -8.88 2.59
N GLY A 172 11.37 -7.67 2.38
CA GLY A 172 12.80 -7.34 2.51
C GLY A 172 13.27 -7.38 3.95
N TYR A 173 12.35 -7.39 4.92
CA TYR A 173 12.63 -7.29 6.37
C TYR A 173 12.26 -8.60 7.08
N LEU A 174 11.59 -9.53 6.38
CA LEU A 174 11.21 -10.86 6.93
C LEU A 174 12.46 -11.60 7.41
N SER A 175 12.35 -12.28 8.57
CA SER A 175 13.41 -13.12 9.17
C SER A 175 13.40 -14.50 8.51
N PRO A 176 14.53 -15.23 8.49
CA PRO A 176 14.56 -16.60 7.94
C PRO A 176 13.57 -17.59 8.58
N GLU A 177 13.36 -17.53 9.90
CA GLU A 177 12.49 -18.49 10.63
C GLU A 177 11.03 -18.28 10.21
N VAL A 178 10.63 -17.06 9.86
CA VAL A 178 9.24 -16.76 9.37
C VAL A 178 9.08 -17.32 7.95
N LEU A 179 10.11 -17.21 7.10
CA LEU A 179 10.07 -17.69 5.69
C LEU A 179 10.15 -19.22 5.64
N ARG A 180 10.86 -19.84 6.60
CA ARG A 180 10.93 -21.33 6.73
C ARG A 180 9.65 -21.87 7.36
N LYS A 181 8.79 -20.98 7.87
CA LYS A 181 7.52 -21.33 8.55
C LYS A 181 7.83 -22.12 9.83
N ASP A 182 8.88 -21.72 10.56
CA ASP A 182 9.35 -22.35 11.82
C ASP A 182 8.89 -21.52 13.01
N PRO A 183 8.91 -22.07 14.25
CA PRO A 183 8.63 -21.28 15.44
C PRO A 183 9.51 -20.02 15.50
N TYR A 184 8.96 -18.93 16.01
CA TYR A 184 9.63 -17.61 16.10
C TYR A 184 9.07 -16.81 17.28
N GLY A 185 9.81 -15.77 17.67
CA GLY A 185 9.42 -14.83 18.72
C GLY A 185 10.16 -13.50 18.59
N LYS A 186 10.80 -13.05 19.66
CA LYS A 186 11.40 -11.70 19.78
C LYS A 186 12.49 -11.49 18.76
N PRO A 187 13.35 -12.50 18.47
CA PRO A 187 14.44 -12.32 17.52
C PRO A 187 14.10 -11.83 16.10
N VAL A 188 12.88 -12.04 15.59
CA VAL A 188 12.48 -11.57 14.23
C VAL A 188 12.64 -10.03 14.16
N ASP A 189 12.40 -9.33 15.26
CA ASP A 189 12.53 -7.86 15.33
C ASP A 189 14.00 -7.46 15.21
N LEU A 190 14.92 -8.22 15.81
CA LEU A 190 16.38 -7.92 15.77
C LEU A 190 16.94 -8.19 14.36
N TRP A 191 16.37 -9.14 13.60
CA TRP A 191 16.74 -9.37 12.19
C TRP A 191 16.38 -8.13 11.37
N ALA A 192 15.16 -7.61 11.53
CA ALA A 192 14.67 -6.37 10.88
C ALA A 192 15.59 -5.20 11.23
N CYS A 193 15.97 -5.07 12.51
CA CYS A 193 16.94 -4.03 12.98
C CYS A 193 18.23 -4.16 12.18
N GLY A 194 18.70 -5.39 11.94
CA GLY A 194 19.87 -5.70 11.12
C GLY A 194 19.73 -5.15 9.72
N VAL A 195 18.57 -5.34 9.10
CA VAL A 195 18.26 -4.85 7.73
C VAL A 195 18.25 -3.31 7.76
N ILE A 196 17.61 -2.71 8.76
CA ILE A 196 17.47 -1.23 8.90
C ILE A 196 18.85 -0.58 9.06
N LEU A 197 19.71 -1.17 9.90
CA LEU A 197 21.06 -0.63 10.22
C LEU A 197 21.94 -0.68 8.96
N TYR A 198 21.83 -1.75 8.17
CA TYR A 198 22.55 -1.93 6.89
C TYR A 198 22.13 -0.80 5.95
N ILE A 199 20.81 -0.54 5.87
CA ILE A 199 20.23 0.53 5.01
C ILE A 199 20.73 1.91 5.48
N LEU A 200 20.82 2.14 6.79
CA LEU A 200 21.24 3.44 7.39
C LEU A 200 22.68 3.77 6.98
N LEU A 201 23.56 2.76 6.86
CA LEU A 201 25.02 3.00 6.67
C LEU A 201 25.38 3.22 5.20
N VAL A 202 24.68 2.60 4.24
CA VAL A 202 25.04 2.70 2.79
C VAL A 202 23.83 3.00 1.90
N GLY A 203 22.60 3.04 2.43
CA GLY A 203 21.43 3.63 1.75
C GLY A 203 20.69 2.68 0.83
N TYR A 204 21.00 1.38 0.86
CA TYR A 204 20.27 0.32 0.12
C TYR A 204 20.22 -0.94 0.99
N PRO A 205 19.26 -1.86 0.75
CA PRO A 205 19.07 -3.02 1.62
C PRO A 205 20.04 -4.18 1.35
N PRO A 206 20.29 -5.04 2.36
CA PRO A 206 21.18 -6.19 2.20
C PRO A 206 20.59 -7.31 1.33
N PHE A 207 19.27 -7.37 1.21
CA PHE A 207 18.53 -8.39 0.42
C PHE A 207 17.61 -7.68 -0.57
N TRP A 208 17.84 -7.92 -1.87
CA TRP A 208 17.02 -7.38 -2.97
C TRP A 208 17.05 -8.35 -4.17
N ASP A 209 15.88 -8.63 -4.72
CA ASP A 209 15.70 -9.35 -6.01
C ASP A 209 14.31 -9.02 -6.58
N GLU A 210 14.25 -8.80 -7.89
CA GLU A 210 12.99 -8.57 -8.66
C GLU A 210 12.08 -9.79 -8.50
N ASP A 211 12.68 -10.97 -8.34
CA ASP A 211 12.00 -12.28 -8.11
C ASP A 211 11.94 -12.55 -6.60
N GLN A 212 10.73 -12.54 -6.02
CA GLN A 212 10.47 -12.66 -4.56
C GLN A 212 10.98 -14.00 -4.04
N HIS A 213 10.77 -15.09 -4.78
CA HIS A 213 11.24 -16.45 -4.40
C HIS A 213 12.76 -16.41 -4.16
N ARG A 214 13.48 -15.70 -5.02
CA ARG A 214 14.96 -15.56 -4.98
C ARG A 214 15.39 -14.68 -3.81
N LEU A 215 14.62 -13.63 -3.52
CA LEU A 215 14.81 -12.71 -2.35
C LEU A 215 14.76 -13.54 -1.06
N TYR A 216 13.74 -14.39 -0.94
CA TYR A 216 13.49 -15.30 0.21
C TYR A 216 14.63 -16.30 0.36
N LYS A 217 15.13 -16.84 -0.75
CA LYS A 217 16.30 -17.76 -0.78
C LYS A 217 17.52 -17.02 -0.20
N GLN A 218 17.77 -15.78 -0.63
CA GLN A 218 18.93 -14.97 -0.16
C GLN A 218 18.82 -14.78 1.35
N ILE A 219 17.63 -14.40 1.84
CA ILE A 219 17.35 -14.11 3.27
C ILE A 219 17.58 -15.38 4.11
N LYS A 220 16.93 -16.50 3.74
CA LYS A 220 17.01 -17.80 4.46
C LYS A 220 18.49 -18.23 4.58
N ALA A 221 19.33 -17.90 3.60
CA ALA A 221 20.74 -18.34 3.49
C ALA A 221 21.67 -17.30 4.12
N GLY A 222 21.15 -16.15 4.57
CA GLY A 222 21.95 -15.04 5.08
C GLY A 222 23.00 -14.62 4.07
N ALA A 223 22.62 -14.62 2.78
CA ALA A 223 23.48 -14.30 1.62
C ALA A 223 23.46 -12.78 1.40
N TYR A 224 24.08 -12.03 2.31
CA TYR A 224 24.40 -10.60 2.16
C TYR A 224 25.92 -10.44 2.11
N ASP A 225 26.40 -9.30 1.61
CA ASP A 225 27.84 -8.95 1.56
C ASP A 225 27.96 -7.43 1.66
N PHE A 226 29.21 -6.92 1.70
CA PHE A 226 29.54 -5.51 1.99
C PHE A 226 30.36 -4.95 0.83
N PRO A 227 29.73 -4.74 -0.35
CA PRO A 227 30.48 -4.38 -1.56
C PRO A 227 31.17 -3.01 -1.49
N SER A 228 32.22 -2.82 -2.28
CA SER A 228 32.82 -1.49 -2.62
C SER A 228 31.92 -0.79 -3.63
N PRO A 229 31.86 0.56 -3.64
CA PRO A 229 32.66 1.40 -2.76
C PRO A 229 32.04 1.79 -1.40
N GLU A 230 30.73 1.66 -1.21
CA GLU A 230 30.04 2.33 -0.07
C GLU A 230 30.42 1.67 1.27
N TRP A 231 30.95 0.44 1.28
CA TRP A 231 31.41 -0.25 2.53
C TRP A 231 32.90 0.00 2.80
N ASP A 232 33.61 0.66 1.89
CA ASP A 232 35.09 0.87 1.93
C ASP A 232 35.52 1.61 3.19
N THR A 233 34.69 2.55 3.67
CA THR A 233 35.03 3.47 4.80
C THR A 233 34.37 3.00 6.09
N VAL A 234 33.49 2.00 6.03
CA VAL A 234 32.67 1.57 7.21
C VAL A 234 33.56 0.80 8.19
N THR A 235 33.40 1.05 9.50
CA THR A 235 34.20 0.41 10.58
C THR A 235 33.83 -1.07 10.63
N PRO A 236 34.77 -1.97 11.00
CA PRO A 236 34.46 -3.38 11.22
C PRO A 236 33.48 -3.63 12.38
N GLU A 237 33.44 -2.74 13.38
CA GLU A 237 32.54 -2.88 14.56
C GLU A 237 31.09 -2.61 14.13
N ALA A 238 30.87 -1.72 13.16
CA ALA A 238 29.54 -1.53 12.52
C ALA A 238 29.14 -2.83 11.81
N LYS A 239 30.04 -3.40 11.00
CA LYS A 239 29.80 -4.67 10.27
C LYS A 239 29.55 -5.81 11.27
N ASP A 240 30.20 -5.78 12.46
CA ASP A 240 30.08 -6.81 13.53
C ASP A 240 28.65 -6.84 14.07
N LEU A 241 28.08 -5.66 14.40
CA LEU A 241 26.73 -5.53 14.99
C LEU A 241 25.68 -5.98 13.97
N ILE A 242 25.85 -5.58 12.71
CA ILE A 242 24.99 -6.03 11.56
C ILE A 242 25.04 -7.55 11.48
N ASN A 243 26.24 -8.14 11.58
CA ASN A 243 26.48 -9.60 11.48
C ASN A 243 25.77 -10.32 12.63
N LYS A 244 25.84 -9.76 13.85
CA LYS A 244 25.24 -10.35 15.08
C LYS A 244 23.71 -10.21 15.03
N MET A 245 23.19 -9.22 14.30
CA MET A 245 21.74 -9.04 14.07
C MET A 245 21.30 -9.95 12.93
N LEU A 246 22.00 -9.92 11.79
CA LEU A 246 21.71 -10.78 10.61
C LEU A 246 22.34 -12.16 10.82
N THR A 247 21.99 -12.81 11.95
CA THR A 247 22.35 -14.19 12.32
C THR A 247 21.13 -15.08 12.07
N ILE A 248 21.29 -16.09 11.21
CA ILE A 248 20.22 -16.96 10.64
C ILE A 248 19.50 -17.69 11.77
N ASN A 249 20.27 -18.12 12.77
CA ASN A 249 19.79 -18.96 13.90
C ASN A 249 19.32 -18.04 15.02
N PRO A 250 18.01 -17.94 15.30
CA PRO A 250 17.49 -16.98 16.28
C PRO A 250 18.04 -17.16 17.71
N SER A 251 18.47 -18.38 18.07
CA SER A 251 19.07 -18.70 19.39
C SER A 251 20.32 -17.85 19.62
N LYS A 252 21.16 -17.67 18.60
CA LYS A 252 22.50 -17.07 18.72
C LYS A 252 22.47 -15.61 18.23
N ARG A 253 21.29 -15.14 17.81
CA ARG A 253 21.07 -13.75 17.32
C ARG A 253 21.15 -12.81 18.53
N ILE A 254 21.77 -11.64 18.37
CA ILE A 254 21.91 -10.63 19.45
C ILE A 254 20.50 -10.16 19.83
N THR A 255 20.25 -9.92 21.12
CA THR A 255 18.99 -9.36 21.65
C THR A 255 19.11 -7.84 21.64
N ALA A 256 17.99 -7.15 21.82
CA ALA A 256 17.92 -5.68 21.98
C ALA A 256 18.85 -5.26 23.12
N ALA A 257 18.68 -5.86 24.30
CA ALA A 257 19.49 -5.59 25.52
C ALA A 257 20.99 -5.70 25.17
N GLU A 258 21.39 -6.83 24.56
CA GLU A 258 22.80 -7.12 24.19
C GLU A 258 23.33 -6.09 23.18
N ALA A 259 22.52 -5.72 22.17
CA ALA A 259 22.89 -4.80 21.09
C ALA A 259 23.14 -3.40 21.65
N LEU A 260 22.31 -2.95 22.59
CA LEU A 260 22.44 -1.64 23.29
C LEU A 260 23.79 -1.56 24.02
N LYS A 261 24.45 -2.69 24.30
CA LYS A 261 25.74 -2.74 25.05
C LYS A 261 26.90 -2.99 24.07
N HIS A 262 26.64 -3.04 22.75
CA HIS A 262 27.68 -3.26 21.71
C HIS A 262 28.56 -2.00 21.64
N PRO A 263 29.91 -2.15 21.64
CA PRO A 263 30.81 -1.00 21.62
C PRO A 263 30.41 0.13 20.65
N TRP A 264 29.91 -0.24 19.46
CA TRP A 264 29.50 0.69 18.38
C TRP A 264 28.36 1.61 18.84
N ILE A 265 27.48 1.13 19.73
CA ILE A 265 26.34 1.91 20.29
C ILE A 265 26.79 2.64 21.57
N SER A 266 27.42 1.94 22.52
CA SER A 266 27.60 2.37 23.95
C SER A 266 28.84 3.26 24.13
N HIS A 267 30.00 2.84 23.60
CA HIS A 267 31.27 3.62 23.63
C HIS A 267 31.17 4.73 22.56
N ARG A 268 30.22 5.64 22.74
CA ARG A 268 29.66 6.52 21.67
C ARG A 268 28.42 7.26 22.24
N THR B 1 15.14 21.25 -14.16
CA THR B 1 14.39 22.05 -15.17
C THR B 1 13.41 22.98 -14.41
N ARG B 2 12.11 22.94 -14.73
CA ARG B 2 11.18 24.07 -14.46
C ARG B 2 9.99 23.65 -13.60
N PHE B 3 10.05 22.52 -12.88
CA PHE B 3 9.06 22.20 -11.82
C PHE B 3 9.44 22.94 -10.54
N THR B 4 10.71 22.85 -10.15
CA THR B 4 11.30 23.49 -8.93
C THR B 4 11.03 25.01 -8.98
N GLU B 5 11.10 25.60 -10.17
CA GLU B 5 10.97 27.06 -10.40
C GLU B 5 9.51 27.50 -10.31
N GLU B 6 8.59 26.77 -10.95
CA GLU B 6 7.19 27.22 -11.19
C GLU B 6 6.21 26.65 -10.15
N TYR B 7 6.52 25.50 -9.52
CA TYR B 7 5.57 24.76 -8.66
C TYR B 7 6.07 24.70 -7.21
N GLN B 8 5.14 24.49 -6.27
CA GLN B 8 5.37 24.42 -4.81
C GLN B 8 4.62 23.21 -4.25
N LEU B 9 5.35 22.30 -3.59
CA LEU B 9 4.79 21.03 -3.05
C LEU B 9 4.11 21.29 -1.70
N PHE B 10 3.02 20.56 -1.44
CA PHE B 10 2.27 20.52 -0.15
C PHE B 10 2.16 19.04 0.27
N GLU B 11 1.04 18.62 0.88
CA GLU B 11 0.94 17.32 1.61
C GLU B 11 0.86 16.15 0.62
N GLU B 12 1.22 14.95 1.09
CA GLU B 12 1.12 13.66 0.37
C GLU B 12 -0.36 13.24 0.22
N LEU B 13 -0.75 12.80 -0.98
CA LEU B 13 -2.08 12.22 -1.29
C LEU B 13 -1.97 10.69 -1.41
N GLY B 14 -0.75 10.15 -1.50
CA GLY B 14 -0.46 8.71 -1.67
C GLY B 14 1.01 8.48 -1.98
N LYS B 15 1.47 7.22 -1.90
CA LYS B 15 2.89 6.82 -2.06
C LYS B 15 2.98 5.46 -2.75
N GLY B 16 4.03 5.25 -3.54
CA GLY B 16 4.35 3.96 -4.21
C GLY B 16 5.77 3.52 -3.89
N ALA B 17 6.30 2.58 -4.69
CA ALA B 17 7.64 1.96 -4.53
C ALA B 17 8.74 3.05 -4.55
N PHE B 18 8.86 3.83 -5.63
CA PHE B 18 9.87 4.92 -5.76
C PHE B 18 9.18 6.19 -6.24
N SER B 19 7.93 6.40 -5.84
CA SER B 19 7.10 7.57 -6.21
C SER B 19 6.22 8.01 -5.04
N VAL B 20 5.85 9.28 -5.02
CA VAL B 20 4.82 9.86 -4.11
C VAL B 20 3.90 10.74 -4.98
N VAL B 21 2.64 10.90 -4.55
CA VAL B 21 1.67 11.88 -5.11
C VAL B 21 1.48 12.99 -4.07
N ARG B 22 1.75 14.23 -4.42
CA ARG B 22 1.65 15.40 -3.52
C ARG B 22 0.82 16.49 -4.21
N ARG B 23 -0.12 17.08 -3.47
CA ARG B 23 -0.80 18.34 -3.87
C ARG B 23 0.29 19.37 -4.10
N CYS B 24 0.23 20.10 -5.21
CA CYS B 24 1.15 21.22 -5.51
C CYS B 24 0.34 22.41 -6.05
N VAL B 25 0.95 23.59 -6.03
CA VAL B 25 0.38 24.85 -6.60
C VAL B 25 1.39 25.41 -7.60
N LYS B 26 0.97 25.59 -8.86
CA LYS B 26 1.74 26.38 -9.86
C LYS B 26 1.64 27.85 -9.43
N VAL B 27 2.74 28.40 -8.89
CA VAL B 27 2.76 29.57 -7.96
C VAL B 27 2.16 30.79 -8.65
N LEU B 28 2.74 31.23 -9.77
CA LEU B 28 2.35 32.47 -10.50
C LEU B 28 0.87 32.41 -10.91
N ALA B 29 0.34 31.22 -11.17
CA ALA B 29 -1.05 30.99 -11.65
C ALA B 29 -2.03 30.82 -10.47
N GLY B 30 -1.51 30.49 -9.29
CA GLY B 30 -2.31 30.16 -8.08
C GLY B 30 -3.30 29.03 -8.33
N GLN B 31 -2.93 28.01 -9.11
CA GLN B 31 -3.81 26.86 -9.43
C GLN B 31 -3.17 25.55 -8.95
N GLU B 32 -4.02 24.70 -8.37
CA GLU B 32 -3.63 23.47 -7.64
C GLU B 32 -3.59 22.28 -8.61
N TYR B 33 -2.61 21.38 -8.45
CA TYR B 33 -2.51 20.10 -9.20
C TYR B 33 -2.08 18.99 -8.25
N ALA B 34 -2.23 17.75 -8.71
CA ALA B 34 -1.64 16.54 -8.09
C ALA B 34 -0.39 16.18 -8.90
N ALA B 35 0.77 16.19 -8.24
CA ALA B 35 2.08 15.88 -8.85
C ALA B 35 2.49 14.46 -8.44
N LYS B 36 2.62 13.54 -9.40
CA LYS B 36 3.29 12.25 -9.19
C LYS B 36 4.81 12.47 -9.32
N ILE B 37 5.52 12.38 -8.21
CA ILE B 37 7.00 12.56 -8.13
C ILE B 37 7.66 11.17 -8.12
N ILE B 38 8.20 10.73 -9.26
CA ILE B 38 9.00 9.48 -9.40
C ILE B 38 10.47 9.83 -9.17
N ASN B 39 11.14 9.14 -8.25
CA ASN B 39 12.59 9.23 -8.00
C ASN B 39 13.32 8.45 -9.12
N THR B 40 14.24 9.10 -9.84
CA THR B 40 14.91 8.56 -11.06
C THR B 40 16.40 8.28 -10.81
N LYS B 41 16.89 8.47 -9.58
CA LYS B 41 18.29 8.13 -9.18
C LYS B 41 18.44 6.61 -9.23
N LYS B 42 19.33 6.09 -10.08
CA LYS B 42 19.60 4.63 -10.22
C LYS B 42 18.29 3.87 -10.50
N LEU B 43 17.69 4.11 -11.68
CA LEU B 43 16.57 3.30 -12.22
C LEU B 43 17.14 2.27 -13.21
N SER B 44 16.58 1.06 -13.25
CA SER B 44 16.92 0.03 -14.26
C SER B 44 16.42 0.48 -15.64
N ALA B 45 16.96 -0.10 -16.70
CA ALA B 45 16.51 0.11 -18.11
C ALA B 45 15.00 -0.17 -18.18
N ARG B 46 14.55 -1.25 -17.54
CA ARG B 46 13.12 -1.66 -17.40
C ARG B 46 12.33 -0.48 -16.82
N ASP B 47 12.72 -0.01 -15.63
CA ASP B 47 12.02 1.06 -14.88
C ASP B 47 11.93 2.33 -15.73
N HIS B 48 12.93 2.63 -16.56
CA HIS B 48 12.94 3.81 -17.48
C HIS B 48 11.88 3.63 -18.57
N GLN B 49 11.80 2.43 -19.16
CA GLN B 49 10.82 2.12 -20.24
C GLN B 49 9.40 2.33 -19.69
N LYS B 50 9.15 1.89 -18.45
CA LYS B 50 7.83 1.96 -17.77
C LYS B 50 7.47 3.43 -17.52
N LEU B 51 8.41 4.24 -17.02
CA LEU B 51 8.19 5.69 -16.75
C LEU B 51 7.81 6.39 -18.06
N GLU B 52 8.57 6.17 -19.14
CA GLU B 52 8.36 6.81 -20.46
C GLU B 52 6.99 6.39 -21.01
N ARG B 53 6.64 5.11 -20.81
CA ARG B 53 5.35 4.50 -21.22
C ARG B 53 4.19 5.15 -20.46
N GLU B 54 4.29 5.26 -19.13
CA GLU B 54 3.24 5.87 -18.28
C GLU B 54 3.03 7.32 -18.71
N ALA B 55 4.12 8.09 -18.84
CA ALA B 55 4.11 9.49 -19.32
C ALA B 55 3.37 9.56 -20.66
N ARG B 56 3.75 8.69 -21.60
CA ARG B 56 3.22 8.65 -22.98
C ARG B 56 1.72 8.32 -22.95
N ILE B 57 1.35 7.26 -22.23
CA ILE B 57 -0.07 6.82 -22.05
C ILE B 57 -0.88 7.98 -21.44
N CYS B 58 -0.36 8.65 -20.42
CA CYS B 58 -1.08 9.73 -19.67
C CYS B 58 -1.26 10.97 -20.56
N ARG B 59 -0.27 11.27 -21.42
CA ARG B 59 -0.36 12.37 -22.42
C ARG B 59 -1.43 12.04 -23.46
N LEU B 60 -1.59 10.76 -23.79
CA LEU B 60 -2.48 10.23 -24.87
C LEU B 60 -3.95 10.44 -24.53
N LEU B 61 -4.35 10.21 -23.27
CA LEU B 61 -5.76 10.03 -22.83
C LEU B 61 -6.43 11.37 -22.50
N LYS B 62 -7.37 11.79 -23.34
CA LYS B 62 -8.15 13.05 -23.18
C LYS B 62 -9.63 12.68 -23.22
N HIS B 63 -10.27 12.63 -22.07
CA HIS B 63 -11.64 12.10 -21.86
C HIS B 63 -12.23 12.67 -20.58
N PRO B 64 -13.54 13.01 -20.55
CA PRO B 64 -14.19 13.51 -19.34
C PRO B 64 -13.96 12.62 -18.11
N ASN B 65 -13.91 11.30 -18.30
CA ASN B 65 -13.93 10.28 -17.22
C ASN B 65 -12.54 9.66 -17.05
N ILE B 66 -11.50 10.33 -17.57
CA ILE B 66 -10.07 9.98 -17.31
C ILE B 66 -9.37 11.22 -16.75
N VAL B 67 -8.57 11.03 -15.70
CA VAL B 67 -7.68 12.05 -15.08
C VAL B 67 -6.80 12.66 -16.19
N ARG B 68 -6.73 13.99 -16.28
CA ARG B 68 -6.02 14.71 -17.38
C ARG B 68 -4.61 15.09 -16.91
N LEU B 69 -3.60 14.80 -17.73
CA LEU B 69 -2.20 15.23 -17.50
C LEU B 69 -2.09 16.70 -17.91
N HIS B 70 -1.66 17.56 -16.99
CA HIS B 70 -1.33 18.99 -17.27
C HIS B 70 0.05 19.07 -17.94
N ASP B 71 1.05 18.39 -17.39
CA ASP B 71 2.47 18.51 -17.85
C ASP B 71 3.28 17.29 -17.39
N SER B 72 4.43 17.08 -18.06
CA SER B 72 5.44 16.03 -17.76
C SER B 72 6.83 16.66 -17.80
N ILE B 73 7.49 16.80 -16.63
CA ILE B 73 8.75 17.58 -16.46
C ILE B 73 9.85 16.63 -15.96
N SER B 74 10.95 16.55 -16.73
CA SER B 74 12.15 15.72 -16.41
C SER B 74 13.22 16.61 -15.76
N GLU B 75 13.47 16.42 -14.46
CA GLU B 75 14.57 17.07 -13.70
C GLU B 75 15.63 16.02 -13.37
N GLU B 76 16.82 16.45 -12.97
CA GLU B 76 17.92 15.58 -12.47
C GLU B 76 17.42 14.85 -11.22
N GLY B 77 17.25 13.53 -11.30
CA GLY B 77 16.94 12.65 -10.15
C GLY B 77 15.45 12.55 -9.83
N HIS B 78 14.61 13.37 -10.47
CA HIS B 78 13.14 13.40 -10.23
C HIS B 78 12.39 13.62 -11.55
N HIS B 79 11.33 12.85 -11.76
CA HIS B 79 10.33 13.08 -12.84
C HIS B 79 9.00 13.48 -12.19
N TYR B 80 8.29 14.43 -12.81
CA TYR B 80 7.01 14.99 -12.32
C TYR B 80 5.94 14.79 -13.40
N LEU B 81 4.97 13.92 -13.12
CA LEU B 81 3.71 13.83 -13.89
C LEU B 81 2.68 14.66 -13.13
N ILE B 82 2.20 15.73 -13.75
CA ILE B 82 1.32 16.77 -13.12
C ILE B 82 -0.08 16.63 -13.72
N PHE B 83 -1.07 16.31 -12.88
CA PHE B 83 -2.46 15.99 -13.27
C PHE B 83 -3.41 17.02 -12.67
N ASP B 84 -4.50 17.34 -13.39
CA ASP B 84 -5.67 18.06 -12.83
C ASP B 84 -6.05 17.39 -11.51
N LEU B 85 -6.33 18.18 -10.48
CA LEU B 85 -6.68 17.69 -9.12
C LEU B 85 -8.12 17.17 -9.12
N VAL B 86 -8.32 15.92 -8.67
CA VAL B 86 -9.65 15.32 -8.40
C VAL B 86 -9.85 15.31 -6.88
N THR B 87 -10.94 15.93 -6.40
CA THR B 87 -11.11 16.39 -5.01
C THR B 87 -12.06 15.48 -4.22
N GLY B 88 -12.77 14.56 -4.88
CA GLY B 88 -13.91 13.83 -4.29
C GLY B 88 -13.51 12.49 -3.69
N GLY B 89 -12.20 12.17 -3.68
CA GLY B 89 -11.67 10.90 -3.13
C GLY B 89 -12.07 9.68 -3.95
N GLU B 90 -11.71 8.48 -3.47
CA GLU B 90 -11.82 7.21 -4.23
C GLU B 90 -13.27 6.72 -4.25
N LEU B 91 -13.69 6.12 -5.37
CA LEU B 91 -15.01 5.46 -5.48
C LEU B 91 -15.15 4.45 -4.32
N PHE B 92 -14.08 3.74 -3.98
CA PHE B 92 -14.02 2.73 -2.90
C PHE B 92 -14.70 3.25 -1.62
N GLU B 93 -14.25 4.41 -1.13
CA GLU B 93 -14.76 5.06 0.12
C GLU B 93 -16.26 5.26 0.02
N ASP B 94 -16.73 5.76 -1.12
CA ASP B 94 -18.16 6.09 -1.36
C ASP B 94 -19.01 4.81 -1.26
N ILE B 95 -18.58 3.70 -1.86
CA ILE B 95 -19.33 2.41 -1.84
C ILE B 95 -19.49 1.97 -0.37
N VAL B 96 -18.39 1.91 0.37
CA VAL B 96 -18.36 1.49 1.81
C VAL B 96 -19.33 2.38 2.59
N ALA B 97 -19.27 3.70 2.41
CA ALA B 97 -20.09 4.69 3.14
C ALA B 97 -21.58 4.45 2.87
N ARG B 98 -21.97 4.35 1.59
CA ARG B 98 -23.36 4.12 1.13
C ARG B 98 -23.72 2.63 1.28
N GLU B 99 -22.72 1.76 1.46
CA GLU B 99 -22.84 0.27 1.55
C GLU B 99 -22.97 -0.31 0.13
N TYR B 100 -23.98 0.13 -0.62
CA TYR B 100 -24.22 -0.23 -2.04
C TYR B 100 -24.95 0.92 -2.75
N TYR B 101 -24.97 0.85 -4.08
CA TYR B 101 -25.68 1.78 -5.00
C TYR B 101 -26.99 1.13 -5.45
N SER B 102 -28.01 1.95 -5.71
CA SER B 102 -29.21 1.55 -6.49
C SER B 102 -28.79 1.21 -7.91
N GLU B 103 -29.61 0.42 -8.62
CA GLU B 103 -29.35 -0.02 -10.01
C GLU B 103 -29.16 1.21 -10.90
N ALA B 104 -29.91 2.29 -10.66
CA ALA B 104 -29.81 3.57 -11.40
C ALA B 104 -28.41 4.18 -11.19
N ASP B 105 -27.96 4.26 -9.93
CA ASP B 105 -26.65 4.87 -9.57
C ASP B 105 -25.53 3.94 -10.04
N ALA B 106 -25.69 2.62 -9.85
CA ALA B 106 -24.73 1.59 -10.28
C ALA B 106 -24.53 1.67 -11.81
N SER B 107 -25.64 1.80 -12.55
CA SER B 107 -25.69 1.87 -14.03
C SER B 107 -24.95 3.12 -14.53
N HIS B 108 -25.26 4.27 -13.94
CA HIS B 108 -24.60 5.58 -14.23
C HIS B 108 -23.11 5.45 -13.97
N CYS B 109 -22.72 4.80 -12.86
CA CYS B 109 -21.32 4.62 -12.44
C CYS B 109 -20.59 3.78 -13.52
N ILE B 110 -21.05 2.55 -13.76
CA ILE B 110 -20.33 1.59 -14.63
C ILE B 110 -20.37 2.09 -16.08
N GLN B 111 -21.42 2.85 -16.45
CA GLN B 111 -21.53 3.49 -17.80
C GLN B 111 -20.30 4.39 -18.01
N GLN B 112 -20.00 5.26 -17.04
CA GLN B 112 -18.89 6.24 -17.13
C GLN B 112 -17.56 5.47 -17.13
N ILE B 113 -17.44 4.45 -16.28
CA ILE B 113 -16.24 3.57 -16.19
C ILE B 113 -16.01 2.93 -17.56
N LEU B 114 -17.06 2.43 -18.22
CA LEU B 114 -16.97 1.71 -19.52
C LEU B 114 -16.64 2.69 -20.64
N GLU B 115 -17.17 3.92 -20.58
CA GLU B 115 -16.84 5.00 -21.55
C GLU B 115 -15.35 5.34 -21.44
N ALA B 116 -14.77 5.26 -20.23
CA ALA B 116 -13.33 5.51 -19.98
C ALA B 116 -12.51 4.36 -20.54
N VAL B 117 -12.89 3.12 -20.21
CA VAL B 117 -12.20 1.88 -20.67
C VAL B 117 -12.27 1.81 -22.20
N LEU B 118 -13.42 2.13 -22.79
CA LEU B 118 -13.61 2.16 -24.27
C LEU B 118 -12.56 3.08 -24.91
N HIS B 119 -12.45 4.32 -24.42
CA HIS B 119 -11.51 5.35 -24.92
C HIS B 119 -10.08 4.80 -24.82
N CYS B 120 -9.70 4.26 -23.66
CA CYS B 120 -8.39 3.63 -23.42
C CYS B 120 -8.11 2.61 -24.55
N HIS B 121 -9.03 1.67 -24.77
CA HIS B 121 -8.86 0.53 -25.70
C HIS B 121 -8.74 1.06 -27.13
N GLN B 122 -9.58 2.03 -27.52
CA GLN B 122 -9.56 2.67 -28.86
C GLN B 122 -8.18 3.30 -29.09
N MET B 123 -7.52 3.80 -28.03
CA MET B 123 -6.20 4.46 -28.07
C MET B 123 -5.08 3.44 -27.84
N GLY B 124 -5.40 2.15 -27.74
CA GLY B 124 -4.43 1.05 -27.57
C GLY B 124 -3.86 1.00 -26.17
N VAL B 125 -4.64 1.37 -25.16
CA VAL B 125 -4.23 1.35 -23.72
C VAL B 125 -5.10 0.32 -22.96
N VAL B 126 -4.45 -0.63 -22.29
CA VAL B 126 -5.09 -1.59 -21.35
C VAL B 126 -4.60 -1.23 -19.93
N HIS B 127 -5.53 -1.03 -19.00
CA HIS B 127 -5.26 -0.50 -17.63
C HIS B 127 -4.64 -1.60 -16.76
N ARG B 128 -5.29 -2.77 -16.71
CA ARG B 128 -4.85 -4.00 -16.00
C ARG B 128 -5.11 -3.90 -14.48
N ASN B 129 -5.49 -2.71 -13.98
CA ASN B 129 -5.60 -2.46 -12.52
C ASN B 129 -6.89 -1.71 -12.21
N LEU B 130 -7.98 -1.98 -12.93
CA LEU B 130 -9.31 -1.39 -12.63
C LEU B 130 -9.79 -1.96 -11.29
N LYS B 131 -10.28 -1.07 -10.41
CA LYS B 131 -10.86 -1.37 -9.08
C LYS B 131 -11.38 -0.07 -8.49
N PRO B 132 -12.27 -0.11 -7.46
CA PRO B 132 -12.84 1.11 -6.88
C PRO B 132 -11.81 2.14 -6.39
N GLU B 133 -10.61 1.68 -6.00
CA GLU B 133 -9.52 2.56 -5.47
C GLU B 133 -8.90 3.40 -6.60
N ASN B 134 -9.08 3.01 -7.86
CA ASN B 134 -8.46 3.67 -9.04
C ASN B 134 -9.51 4.47 -9.81
N LEU B 135 -10.70 4.66 -9.23
CA LEU B 135 -11.73 5.59 -9.74
C LEU B 135 -11.95 6.70 -8.71
N LEU B 136 -11.63 7.94 -9.09
CA LEU B 136 -11.81 9.15 -8.24
C LEU B 136 -13.10 9.87 -8.63
N LEU B 137 -13.70 10.61 -7.69
CA LEU B 137 -14.98 11.35 -7.89
C LEU B 137 -14.67 12.83 -8.14
N ALA B 138 -15.25 13.41 -9.19
CA ALA B 138 -15.06 14.82 -9.60
C ALA B 138 -15.48 15.77 -8.46
N SER B 139 -16.41 15.36 -7.59
CA SER B 139 -16.87 16.16 -6.42
C SER B 139 -17.24 15.25 -5.24
N LYS B 140 -17.64 15.85 -4.11
CA LYS B 140 -18.09 15.13 -2.88
C LYS B 140 -19.63 15.06 -2.82
N LEU B 141 -20.33 15.62 -3.80
CA LEU B 141 -21.80 15.46 -3.99
C LEU B 141 -22.08 14.08 -4.57
N LYS B 142 -23.01 13.34 -3.94
CA LYS B 142 -23.62 12.09 -4.49
C LYS B 142 -24.03 12.33 -5.96
N GLY B 143 -23.68 11.42 -6.86
CA GLY B 143 -23.98 11.51 -8.31
C GLY B 143 -22.89 12.23 -9.08
N ALA B 144 -21.69 12.36 -8.49
CA ALA B 144 -20.50 12.99 -9.12
C ALA B 144 -19.98 12.08 -10.24
N ALA B 145 -19.32 12.68 -11.23
CA ALA B 145 -18.63 11.97 -12.31
C ALA B 145 -17.44 11.20 -11.71
N VAL B 146 -17.14 10.01 -12.25
CA VAL B 146 -15.95 9.18 -11.89
C VAL B 146 -14.83 9.51 -12.87
N LYS B 147 -13.57 9.39 -12.43
CA LYS B 147 -12.36 9.60 -13.26
C LYS B 147 -11.41 8.42 -13.02
N LEU B 148 -11.12 7.70 -14.10
CA LEU B 148 -10.11 6.60 -14.14
C LEU B 148 -8.73 7.19 -13.90
N ALA B 149 -7.98 6.64 -12.93
CA ALA B 149 -6.66 7.16 -12.47
C ALA B 149 -5.65 6.01 -12.34
N ASP B 150 -4.40 6.35 -12.03
CA ASP B 150 -3.33 5.42 -11.62
C ASP B 150 -3.02 4.44 -12.76
N PHE B 151 -2.33 4.91 -13.80
CA PHE B 151 -1.96 4.15 -15.03
C PHE B 151 -0.53 3.61 -14.93
N GLY B 152 -0.05 3.37 -13.70
CA GLY B 152 1.30 2.82 -13.43
C GLY B 152 1.48 1.40 -13.96
N LEU B 153 0.39 0.63 -14.12
CA LEU B 153 0.44 -0.76 -14.66
C LEU B 153 -0.15 -0.82 -16.08
N ALA B 154 -0.54 0.32 -16.65
CA ALA B 154 -1.16 0.39 -18.00
C ALA B 154 -0.11 -0.01 -19.05
N ILE B 155 -0.55 -0.72 -20.09
CA ILE B 155 0.30 -1.23 -21.20
C ILE B 155 -0.22 -0.61 -22.50
N GLU B 156 0.67 -0.56 -23.51
CA GLU B 156 0.32 -0.25 -24.91
C GLU B 156 0.12 -1.57 -25.65
N VAL B 157 -0.99 -1.67 -26.40
CA VAL B 157 -1.36 -2.88 -27.20
C VAL B 157 -1.49 -2.44 -28.66
N GLU B 158 -1.16 -3.35 -29.58
CA GLU B 158 -1.34 -3.19 -31.03
C GLU B 158 -2.70 -3.80 -31.43
N GLY B 159 -3.71 -2.95 -31.65
CA GLY B 159 -5.04 -3.35 -32.12
C GLY B 159 -5.69 -4.32 -31.15
N GLU B 160 -6.16 -5.48 -31.64
CA GLU B 160 -6.83 -6.54 -30.83
C GLU B 160 -5.83 -7.64 -30.45
N GLN B 161 -4.52 -7.40 -30.65
CA GLN B 161 -3.47 -8.43 -30.47
C GLN B 161 -3.32 -8.74 -28.98
N GLN B 162 -3.47 -10.02 -28.61
CA GLN B 162 -3.12 -10.53 -27.25
C GLN B 162 -1.65 -10.92 -27.24
N ALA B 163 -1.06 -10.90 -26.04
CA ALA B 163 0.34 -11.27 -25.74
C ALA B 163 0.50 -11.43 -24.23
N TRP B 164 1.65 -11.95 -23.81
CA TRP B 164 2.01 -12.10 -22.37
C TRP B 164 2.73 -10.82 -21.92
N PHE B 165 2.00 -9.91 -21.29
CA PHE B 165 2.50 -8.57 -20.84
C PHE B 165 2.94 -8.65 -19.36
N GLY B 166 3.11 -9.86 -18.83
CA GLY B 166 3.60 -10.10 -17.46
C GLY B 166 2.46 -10.28 -16.48
N PHE B 167 2.75 -10.80 -15.29
CA PHE B 167 1.79 -10.97 -14.18
C PHE B 167 1.70 -9.66 -13.41
N ALA B 168 0.58 -8.94 -13.54
CA ALA B 168 0.37 -7.60 -12.95
C ALA B 168 -1.13 -7.37 -12.75
N GLY B 169 -1.49 -6.78 -11.61
CA GLY B 169 -2.87 -6.40 -11.26
C GLY B 169 -3.08 -6.54 -9.77
N THR B 170 -4.34 -6.51 -9.33
CA THR B 170 -4.74 -6.58 -7.90
C THR B 170 -5.53 -7.88 -7.68
N PRO B 171 -5.11 -8.75 -6.73
CA PRO B 171 -5.68 -10.09 -6.59
C PRO B 171 -7.18 -10.25 -6.87
N GLY B 172 -8.04 -9.47 -6.20
CA GLY B 172 -9.51 -9.62 -6.27
C GLY B 172 -10.08 -9.23 -7.63
N TYR B 173 -9.29 -8.55 -8.46
CA TYR B 173 -9.72 -7.96 -9.76
C TYR B 173 -8.99 -8.63 -10.92
N LEU B 174 -8.00 -9.49 -10.63
CA LEU B 174 -7.21 -10.26 -11.65
C LEU B 174 -8.16 -11.11 -12.49
N SER B 175 -7.94 -11.16 -13.81
CA SER B 175 -8.72 -11.96 -14.78
C SER B 175 -8.20 -13.40 -14.80
N PRO B 176 -9.04 -14.40 -15.16
CA PRO B 176 -8.58 -15.79 -15.26
C PRO B 176 -7.40 -16.04 -16.23
N GLU B 177 -7.37 -15.37 -17.39
CA GLU B 177 -6.31 -15.58 -18.42
C GLU B 177 -4.95 -15.09 -17.89
N VAL B 178 -4.93 -14.07 -17.02
CA VAL B 178 -3.67 -13.57 -16.38
C VAL B 178 -3.20 -14.60 -15.35
N LEU B 179 -4.11 -15.22 -14.60
CA LEU B 179 -3.78 -16.23 -13.54
C LEU B 179 -3.37 -17.56 -14.18
N ARG B 180 -3.92 -17.89 -15.35
CA ARG B 180 -3.55 -19.10 -16.14
C ARG B 180 -2.22 -18.84 -16.89
N LYS B 181 -1.75 -17.60 -16.88
CA LYS B 181 -0.48 -17.15 -17.53
C LYS B 181 -0.61 -17.34 -19.05
N ASP B 182 -1.75 -16.94 -19.60
CA ASP B 182 -2.04 -16.97 -21.05
C ASP B 182 -1.83 -15.57 -21.63
N PRO B 183 -1.62 -15.46 -22.96
CA PRO B 183 -1.76 -14.19 -23.66
C PRO B 183 -3.08 -13.50 -23.30
N TYR B 184 -3.06 -12.17 -23.19
CA TYR B 184 -4.24 -11.36 -22.78
C TYR B 184 -4.14 -9.96 -23.41
N GLY B 185 -5.25 -9.23 -23.38
CA GLY B 185 -5.36 -7.85 -23.90
C GLY B 185 -6.50 -7.10 -23.25
N LYS B 186 -7.38 -6.54 -24.08
CA LYS B 186 -8.45 -5.59 -23.66
C LYS B 186 -9.42 -6.26 -22.70
N PRO B 187 -9.81 -7.54 -22.90
CA PRO B 187 -10.78 -8.20 -22.03
C PRO B 187 -10.49 -8.23 -20.51
N VAL B 188 -9.23 -8.14 -20.08
CA VAL B 188 -8.89 -8.18 -18.61
C VAL B 188 -9.56 -6.99 -17.92
N ASP B 189 -9.70 -5.86 -18.60
CA ASP B 189 -10.34 -4.64 -18.05
C ASP B 189 -11.84 -4.90 -17.84
N LEU B 190 -12.48 -5.64 -18.76
CA LEU B 190 -13.94 -5.91 -18.70
C LEU B 190 -14.24 -6.93 -17.58
N TRP B 191 -13.30 -7.81 -17.24
CA TRP B 191 -13.43 -8.73 -16.08
C TRP B 191 -13.47 -7.89 -14.79
N ALA B 192 -12.52 -6.96 -14.66
CA ALA B 192 -12.45 -6.02 -13.51
C ALA B 192 -13.76 -5.23 -13.40
N CYS B 193 -14.27 -4.72 -14.53
CA CYS B 193 -15.58 -4.00 -14.61
C CYS B 193 -16.67 -4.90 -14.01
N GLY B 194 -16.64 -6.20 -14.34
CA GLY B 194 -17.56 -7.22 -13.81
C GLY B 194 -17.51 -7.28 -12.29
N VAL B 195 -16.30 -7.30 -11.73
CA VAL B 195 -16.07 -7.35 -10.25
C VAL B 195 -16.60 -6.05 -9.63
N ILE B 196 -16.31 -4.89 -10.25
CA ILE B 196 -16.70 -3.56 -9.74
C ILE B 196 -18.23 -3.43 -9.71
N LEU B 197 -18.91 -3.87 -10.78
CA LEU B 197 -20.38 -3.75 -10.94
C LEU B 197 -21.07 -4.62 -9.88
N TYR B 198 -20.54 -5.81 -9.61
CA TYR B 198 -21.03 -6.74 -8.58
C TYR B 198 -20.94 -6.05 -7.21
N ILE B 199 -19.80 -5.42 -6.92
CA ILE B 199 -19.54 -4.66 -5.67
C ILE B 199 -20.53 -3.49 -5.55
N LEU B 200 -20.81 -2.79 -6.65
CA LEU B 200 -21.70 -1.58 -6.68
C LEU B 200 -23.12 -1.97 -6.26
N LEU B 201 -23.60 -3.17 -6.64
CA LEU B 201 -25.02 -3.54 -6.49
C LEU B 201 -25.33 -4.08 -5.08
N VAL B 202 -24.38 -4.77 -4.43
CA VAL B 202 -24.64 -5.43 -3.11
C VAL B 202 -23.53 -5.14 -2.09
N GLY B 203 -22.44 -4.47 -2.46
CA GLY B 203 -21.48 -3.86 -1.51
C GLY B 203 -20.40 -4.80 -1.02
N TYR B 204 -20.26 -5.97 -1.62
CA TYR B 204 -19.17 -6.94 -1.32
C TYR B 204 -18.74 -7.59 -2.64
N PRO B 205 -17.50 -8.13 -2.73
CA PRO B 205 -16.99 -8.66 -3.99
C PRO B 205 -17.49 -10.07 -4.33
N PRO B 206 -17.48 -10.46 -5.62
CA PRO B 206 -17.89 -11.81 -6.01
C PRO B 206 -16.84 -12.88 -5.63
N PHE B 207 -15.57 -12.50 -5.49
CA PHE B 207 -14.44 -13.43 -5.16
C PHE B 207 -13.64 -12.86 -3.98
N TRP B 208 -13.53 -13.62 -2.89
CA TRP B 208 -12.63 -13.33 -1.74
C TRP B 208 -12.27 -14.63 -1.00
N ASP B 209 -11.00 -14.78 -0.63
CA ASP B 209 -10.51 -15.78 0.34
C ASP B 209 -9.26 -15.26 1.05
N GLU B 210 -9.13 -15.55 2.35
CA GLU B 210 -7.93 -15.26 3.20
C GLU B 210 -6.69 -15.89 2.55
N ASP B 211 -6.89 -17.05 1.89
CA ASP B 211 -5.85 -17.83 1.18
C ASP B 211 -5.87 -17.43 -0.30
N GLN B 212 -4.81 -16.78 -0.77
CA GLN B 212 -4.70 -16.18 -2.13
C GLN B 212 -4.79 -17.27 -3.20
N HIS B 213 -4.15 -18.42 -2.99
CA HIS B 213 -4.20 -19.59 -3.91
C HIS B 213 -5.66 -19.97 -4.16
N ARG B 214 -6.49 -19.95 -3.11
CA ARG B 214 -7.92 -20.34 -3.14
C ARG B 214 -8.75 -19.26 -3.85
N LEU B 215 -8.40 -17.98 -3.64
CA LEU B 215 -9.03 -16.81 -4.32
C LEU B 215 -8.83 -16.96 -5.84
N TYR B 216 -7.62 -17.29 -6.26
CA TYR B 216 -7.22 -17.52 -7.67
C TYR B 216 -7.99 -18.71 -8.27
N LYS B 217 -8.15 -19.78 -7.50
CA LYS B 217 -8.96 -20.97 -7.89
C LYS B 217 -10.41 -20.53 -8.15
N GLN B 218 -10.99 -19.73 -7.25
CA GLN B 218 -12.40 -19.25 -7.38
C GLN B 218 -12.54 -18.44 -8.67
N ILE B 219 -11.59 -17.52 -8.92
CA ILE B 219 -11.57 -16.61 -10.09
C ILE B 219 -11.47 -17.44 -11.38
N LYS B 220 -10.47 -18.31 -11.49
CA LYS B 220 -10.22 -19.15 -12.69
C LYS B 220 -11.46 -20.01 -13.01
N ALA B 221 -12.24 -20.38 -12.00
CA ALA B 221 -13.43 -21.26 -12.13
C ALA B 221 -14.71 -20.43 -12.33
N GLY B 222 -14.61 -19.10 -12.25
CA GLY B 222 -15.78 -18.20 -12.32
C GLY B 222 -16.81 -18.57 -11.28
N ALA B 223 -16.35 -18.97 -10.09
CA ALA B 223 -17.18 -19.49 -8.97
C ALA B 223 -17.72 -18.33 -8.15
N TYR B 224 -18.68 -17.58 -8.71
CA TYR B 224 -19.50 -16.55 -8.02
C TYR B 224 -20.95 -17.02 -8.07
N ASP B 225 -21.80 -16.46 -7.22
CA ASP B 225 -23.28 -16.65 -7.25
C ASP B 225 -23.95 -15.36 -6.79
N PHE B 226 -25.28 -15.34 -6.80
CA PHE B 226 -26.11 -14.14 -6.46
C PHE B 226 -27.02 -14.50 -5.29
N PRO B 227 -26.46 -14.62 -4.06
CA PRO B 227 -27.23 -15.14 -2.92
C PRO B 227 -28.45 -14.28 -2.55
N SER B 228 -29.47 -14.94 -1.98
CA SER B 228 -30.65 -14.33 -1.33
C SER B 228 -30.23 -13.81 0.05
N PRO B 229 -30.87 -12.75 0.58
CA PRO B 229 -31.99 -12.07 -0.09
C PRO B 229 -31.65 -10.88 -1.00
N GLU B 230 -30.43 -10.33 -0.89
CA GLU B 230 -30.05 -9.01 -1.47
C GLU B 230 -30.13 -9.04 -3.00
N TRP B 231 -29.90 -10.21 -3.63
CA TRP B 231 -29.90 -10.37 -5.11
C TRP B 231 -31.29 -10.79 -5.61
N ASP B 232 -32.23 -11.16 -4.73
CA ASP B 232 -33.64 -11.54 -5.07
C ASP B 232 -34.33 -10.41 -5.83
N THR B 233 -33.99 -9.16 -5.47
CA THR B 233 -34.66 -7.90 -5.87
C THR B 233 -33.96 -7.30 -7.10
N VAL B 234 -32.72 -7.72 -7.36
CA VAL B 234 -31.89 -7.24 -8.51
C VAL B 234 -32.50 -7.77 -9.81
N THR B 235 -32.56 -6.93 -10.85
CA THR B 235 -33.16 -7.28 -12.17
C THR B 235 -32.28 -8.35 -12.81
N PRO B 236 -32.86 -9.27 -13.62
CA PRO B 236 -32.06 -10.26 -14.36
C PRO B 236 -31.13 -9.63 -15.40
N GLU B 237 -31.46 -8.44 -15.93
CA GLU B 237 -30.63 -7.74 -16.95
C GLU B 237 -29.35 -7.22 -16.28
N ALA B 238 -29.40 -6.80 -15.01
CA ALA B 238 -28.21 -6.47 -14.20
C ALA B 238 -27.33 -7.72 -14.06
N LYS B 239 -27.94 -8.84 -13.67
CA LYS B 239 -27.25 -10.15 -13.48
C LYS B 239 -26.64 -10.60 -14.82
N ASP B 240 -27.32 -10.30 -15.93
CA ASP B 240 -26.92 -10.70 -17.31
C ASP B 240 -25.62 -10.01 -17.71
N LEU B 241 -25.52 -8.69 -17.46
CA LEU B 241 -24.34 -7.87 -17.83
C LEU B 241 -23.14 -8.32 -16.99
N ILE B 242 -23.35 -8.57 -15.70
CA ILE B 242 -22.31 -9.11 -14.78
C ILE B 242 -21.82 -10.46 -15.33
N ASN B 243 -22.75 -11.32 -15.76
CA ASN B 243 -22.47 -12.68 -16.29
C ASN B 243 -21.61 -12.56 -17.57
N LYS B 244 -21.96 -11.63 -18.45
CA LYS B 244 -21.28 -11.40 -19.75
C LYS B 244 -19.90 -10.76 -19.51
N MET B 245 -19.72 -10.04 -18.39
CA MET B 245 -18.41 -9.48 -17.97
C MET B 245 -17.58 -10.56 -17.28
N LEU B 246 -18.17 -11.26 -16.30
CA LEU B 246 -17.50 -12.34 -15.53
C LEU B 246 -17.61 -13.65 -16.33
N THR B 247 -17.13 -13.63 -17.57
CA THR B 247 -16.99 -14.79 -18.49
C THR B 247 -15.52 -15.18 -18.53
N ILE B 248 -15.21 -16.43 -18.16
CA ILE B 248 -13.82 -16.88 -17.84
C ILE B 248 -13.01 -16.95 -19.14
N ASN B 249 -13.66 -17.16 -20.29
CA ASN B 249 -12.98 -17.25 -21.61
C ASN B 249 -13.03 -15.87 -22.25
N PRO B 250 -11.88 -15.18 -22.37
CA PRO B 250 -11.84 -13.80 -22.87
C PRO B 250 -12.40 -13.61 -24.30
N SER B 251 -12.40 -14.66 -25.13
CA SER B 251 -12.99 -14.66 -26.50
C SER B 251 -14.47 -14.25 -26.45
N LYS B 252 -15.23 -14.79 -25.48
CA LYS B 252 -16.70 -14.69 -25.43
C LYS B 252 -17.11 -13.63 -24.40
N ARG B 253 -16.13 -12.96 -23.77
CA ARG B 253 -16.37 -11.88 -22.79
C ARG B 253 -16.86 -10.63 -23.52
N ILE B 254 -17.83 -9.92 -22.96
CA ILE B 254 -18.38 -8.66 -23.54
C ILE B 254 -17.28 -7.61 -23.59
N THR B 255 -17.23 -6.81 -24.65
CA THR B 255 -16.29 -5.67 -24.82
C THR B 255 -16.93 -4.42 -24.21
N ALA B 256 -16.14 -3.37 -24.02
CA ALA B 256 -16.61 -2.04 -23.56
C ALA B 256 -17.72 -1.56 -24.49
N ALA B 257 -17.45 -1.51 -25.79
CA ALA B 257 -18.40 -1.09 -26.85
C ALA B 257 -19.72 -1.86 -26.69
N GLU B 258 -19.66 -3.19 -26.63
CA GLU B 258 -20.85 -4.08 -26.51
C GLU B 258 -21.61 -3.80 -25.20
N ALA B 259 -20.90 -3.62 -24.08
CA ALA B 259 -21.49 -3.40 -22.74
C ALA B 259 -22.25 -2.07 -22.70
N LEU B 260 -21.70 -1.03 -23.33
CA LEU B 260 -22.32 0.32 -23.44
C LEU B 260 -23.67 0.24 -24.18
N LYS B 261 -23.92 -0.84 -24.94
CA LYS B 261 -25.16 -1.02 -25.73
C LYS B 261 -26.09 -2.02 -25.02
N HIS B 262 -25.72 -2.51 -23.84
CA HIS B 262 -26.54 -3.49 -23.05
C HIS B 262 -27.80 -2.79 -22.53
N PRO B 263 -28.99 -3.40 -22.70
CA PRO B 263 -30.24 -2.77 -22.26
C PRO B 263 -30.17 -2.07 -20.88
N TRP B 264 -29.49 -2.68 -19.93
CA TRP B 264 -29.36 -2.20 -18.52
C TRP B 264 -28.65 -0.84 -18.46
N ILE B 265 -27.73 -0.57 -19.40
CA ILE B 265 -26.97 0.71 -19.49
C ILE B 265 -27.75 1.71 -20.37
N SER B 266 -28.19 1.29 -21.58
CA SER B 266 -28.60 2.18 -22.70
C SER B 266 -30.06 2.64 -22.56
N HIS B 267 -30.98 1.76 -22.15
CA HIS B 267 -32.41 2.11 -21.91
C HIS B 267 -32.54 2.96 -20.65
N ARG C 7 21.35 -4.06 -9.25
CA ARG C 7 21.88 -3.48 -7.97
C ARG C 7 20.70 -3.26 -7.00
N ASN C 8 20.92 -3.54 -5.72
CA ASN C 8 19.93 -3.36 -4.62
C ASN C 8 19.49 -1.89 -4.59
N LYS C 9 18.20 -1.63 -4.42
CA LYS C 9 17.67 -0.25 -4.26
C LYS C 9 16.77 -0.18 -3.03
N LEU C 10 16.76 0.97 -2.35
CA LEU C 10 15.81 1.27 -1.24
C LEU C 10 14.47 1.70 -1.85
N ARG C 11 13.46 0.82 -1.74
CA ARG C 11 12.09 1.00 -2.28
C ARG C 11 11.11 0.81 -1.11
N ARG C 12 9.95 1.47 -1.17
CA ARG C 12 8.83 1.21 -0.23
C ARG C 12 8.23 -0.17 -0.55
N GLN C 13 7.83 -0.89 0.49
CA GLN C 13 7.28 -2.27 0.39
C GLN C 13 6.05 -2.37 1.30
N HIS C 14 4.96 -2.92 0.77
CA HIS C 14 3.71 -3.19 1.53
C HIS C 14 3.92 -4.42 2.43
N SER C 15 3.22 -4.44 3.57
CA SER C 15 3.13 -5.57 4.53
C SER C 15 2.31 -6.71 3.91
N TYR C 16 2.55 -7.94 4.35
CA TYR C 16 1.67 -9.11 4.13
C TYR C 16 1.06 -9.53 5.47
N ASP C 17 -0.11 -10.18 5.41
CA ASP C 17 -0.87 -10.74 6.56
C ASP C 17 -0.99 -12.26 6.41
N THR C 18 -0.76 -12.77 5.19
CA THR C 18 -0.64 -14.22 4.85
C THR C 18 0.36 -14.39 3.70
N PHE C 19 0.63 -15.62 3.26
CA PHE C 19 1.63 -16.00 2.23
C PHE C 19 1.18 -15.53 0.85
N VAL C 20 2.11 -14.91 0.10
CA VAL C 20 1.94 -14.43 -1.32
C VAL C 20 3.19 -14.81 -2.11
N ARG D 7 -18.62 -14.76 4.96
CA ARG D 7 -19.23 -13.89 3.92
C ARG D 7 -18.17 -12.90 3.41
N ASN D 8 -18.17 -12.64 2.09
CA ASN D 8 -17.20 -11.74 1.41
C ASN D 8 -17.30 -10.34 2.03
N LYS D 9 -16.17 -9.67 2.25
CA LYS D 9 -16.14 -8.25 2.70
C LYS D 9 -15.24 -7.44 1.74
N LEU D 10 -15.62 -6.17 1.52
CA LEU D 10 -14.92 -5.23 0.61
C LEU D 10 -13.69 -4.66 1.32
N ARG D 11 -12.50 -5.05 0.87
CA ARG D 11 -11.19 -4.64 1.43
C ARG D 11 -10.35 -3.95 0.34
N ARG D 12 -9.53 -2.99 0.73
CA ARG D 12 -8.45 -2.40 -0.11
C ARG D 12 -7.38 -3.48 -0.34
N GLN D 13 -6.80 -3.51 -1.54
CA GLN D 13 -5.81 -4.54 -1.96
C GLN D 13 -4.75 -3.84 -2.83
N HIS D 14 -3.47 -4.01 -2.50
CA HIS D 14 -2.34 -3.45 -3.27
C HIS D 14 -2.09 -4.34 -4.50
N SER D 15 -1.69 -3.74 -5.62
CA SER D 15 -1.39 -4.43 -6.90
C SER D 15 0.03 -5.01 -6.83
N TYR D 16 0.34 -5.96 -7.71
CA TYR D 16 1.69 -6.55 -7.93
C TYR D 16 2.13 -6.24 -9.36
N ASP D 17 3.43 -6.28 -9.64
CA ASP D 17 4.04 -6.18 -11.00
C ASP D 17 5.15 -7.24 -11.11
N THR D 18 5.40 -7.76 -12.32
CA THR D 18 6.56 -8.64 -12.65
C THR D 18 6.88 -8.56 -14.14
#